data_5TVT
#
_entry.id   5TVT
#
_cell.length_a   56.690
_cell.length_b   68.650
_cell.length_c   105.040
_cell.angle_alpha   90.00
_cell.angle_beta   90.00
_cell.angle_gamma   90.00
#
_symmetry.space_group_name_H-M   'P 21 21 21'
#
loop_
_entity.id
_entity.type
_entity.pdbx_description
1 polymer 'Maternal embryonic leucine zipper kinase'
2 non-polymer 9-(3,5-dichloro-4-hydroxyphenyl)-1-{trans-4-[(dimethylamino)methyl]cyclohexyl}-3-methyl-3,4-dihydropyrimido[5,4-c][1,5]naphthyridin-2(1H)-one
3 water water
#
_entity_poly.entity_id   1
_entity_poly.type   'polypeptide(L)'
_entity_poly.pdbx_seq_one_letter_code
;GSKDYDELLKYYELHETIGTGGFAKVKLACHILTGEMVAIKIMDKNTLGSDLPRIKTEIEALKNLRHQHICQLYHVLETA
NKIFMVLEYCPGGELFDYIISQDRLSEEETRVVFRQIVSAVAYVHSQGYAHRDLKPENLLFDEYHKLKLIDFGLCAKPKG
NKDYHLQTCCGSLAYAAPELIQGKSYLGSEADVWSMGILLYVLMCGFLPFDDDNVMALYKKIMRGKYDVPKWLSPSSILL
LQQMLQVDPKKRISMKNLLNHPWIMQDYNYPVEWQSKNPFIHLDDDCVTELSVHHRNNRQTMEDLISLWQYDHLTATYLL
LLAKKARGKPVRLR
;
_entity_poly.pdbx_strand_id   A
#
loop_
_chem_comp.id
_chem_comp.type
_chem_comp.name
_chem_comp.formula
7LV non-polymer 9-(3,5-dichloro-4-hydroxyphenyl)-1-{trans-4-[(dimethylamino)methyl]cyclohexyl}-3-methyl-3,4-dihydropyrimido[5,4-c][1,5]naphthyridin-2(1H)-one 'C26 H29 Cl2 N5 O2'
#
# COMPACT_ATOMS: atom_id res chain seq x y z
N GLY A 1 9.67 -24.67 9.94
CA GLY A 1 9.52 -25.72 10.92
C GLY A 1 8.25 -25.59 11.75
N SER A 2 7.92 -26.65 12.49
CA SER A 2 6.72 -26.63 13.33
C SER A 2 6.88 -25.62 14.47
N LYS A 3 8.09 -25.49 15.01
CA LYS A 3 8.31 -24.52 16.07
C LYS A 3 8.21 -23.09 15.54
N ASP A 4 8.49 -22.88 14.25
CA ASP A 4 8.35 -21.55 13.67
C ASP A 4 6.91 -21.05 13.72
N TYR A 5 5.94 -21.93 13.96
CA TYR A 5 4.53 -21.56 13.93
C TYR A 5 3.87 -21.51 15.30
N ASP A 6 4.49 -22.09 16.32
CA ASP A 6 3.81 -22.22 17.61
C ASP A 6 3.46 -20.86 18.21
N GLU A 7 4.35 -19.88 18.08
CA GLU A 7 4.00 -18.55 18.56
C GLU A 7 2.85 -17.97 17.74
N LEU A 8 2.89 -18.14 16.42
CA LEU A 8 1.85 -17.56 15.56
C LEU A 8 0.49 -18.19 15.84
N LEU A 9 0.43 -19.51 16.01
CA LEU A 9 -0.85 -20.16 16.22
C LEU A 9 -1.38 -19.98 17.64
N LYS A 10 -0.59 -19.39 18.54
CA LYS A 10 -1.13 -18.91 19.81
C LYS A 10 -2.09 -17.74 19.60
N TYR A 11 -1.91 -16.98 18.51
CA TYR A 11 -2.64 -15.73 18.30
C TYR A 11 -3.54 -15.73 17.07
N TYR A 12 -3.27 -16.58 16.08
CA TYR A 12 -4.03 -16.59 14.85
C TYR A 12 -4.36 -18.04 14.49
N GLU A 13 -5.51 -18.23 13.84
CA GLU A 13 -5.83 -19.50 13.20
C GLU A 13 -5.77 -19.30 11.70
N LEU A 14 -5.02 -20.16 11.03
CA LEU A 14 -4.75 -19.98 9.61
C LEU A 14 -5.92 -20.47 8.77
N HIS A 15 -6.27 -19.70 7.75
CA HIS A 15 -7.24 -20.16 6.76
C HIS A 15 -6.49 -20.47 5.47
N GLU A 16 -7.16 -20.29 4.33
CA GLU A 16 -6.52 -20.70 3.09
C GLU A 16 -5.47 -19.70 2.63
N THR A 17 -4.60 -20.17 1.74
CA THR A 17 -3.72 -19.32 0.96
C THR A 17 -4.54 -18.45 0.02
N ILE A 18 -4.24 -17.15 0.00
CA ILE A 18 -4.93 -16.23 -0.89
C ILE A 18 -4.01 -15.66 -1.95
N GLY A 19 -2.70 -15.78 -1.80
CA GLY A 19 -1.78 -15.27 -2.79
C GLY A 19 -0.34 -15.71 -2.58
N THR A 20 0.43 -15.77 -3.67
CA THR A 20 1.84 -16.15 -3.62
C THR A 20 2.64 -15.19 -4.47
N GLY A 21 3.54 -14.44 -3.85
CA GLY A 21 4.48 -13.61 -4.54
C GLY A 21 5.80 -14.31 -4.75
N GLY A 22 6.85 -13.52 -4.97
CA GLY A 22 8.17 -14.07 -5.19
C GLY A 22 8.71 -14.78 -3.97
N PHE A 23 9.00 -14.03 -2.91
CA PHE A 23 9.60 -14.57 -1.70
C PHE A 23 8.59 -14.83 -0.59
N ALA A 24 7.30 -14.65 -0.86
CA ALA A 24 6.32 -14.64 0.21
C ALA A 24 5.09 -15.43 -0.19
N LYS A 25 4.46 -16.02 0.82
CA LYS A 25 3.12 -16.56 0.73
C LYS A 25 2.22 -15.76 1.67
N VAL A 26 1.01 -15.46 1.20
CA VAL A 26 0.06 -14.66 1.96
C VAL A 26 -1.14 -15.53 2.30
N LYS A 27 -1.43 -15.66 3.60
CA LYS A 27 -2.52 -16.49 4.09
C LYS A 27 -3.59 -15.64 4.75
N LEU A 28 -4.85 -15.94 4.44
CA LEU A 28 -5.96 -15.42 5.23
C LEU A 28 -5.92 -16.07 6.61
N ALA A 29 -6.16 -15.27 7.64
CA ALA A 29 -6.16 -15.80 9.00
C ALA A 29 -7.14 -15.00 9.85
N CYS A 30 -7.45 -15.56 11.02
CA CYS A 30 -8.36 -14.94 11.97
C CYS A 30 -7.62 -14.64 13.26
N HIS A 31 -7.59 -13.38 13.66
CA HIS A 31 -7.02 -13.01 14.95
C HIS A 31 -7.94 -13.50 16.06
N ILE A 32 -7.41 -14.39 16.91
CA ILE A 32 -8.26 -15.19 17.79
C ILE A 32 -8.99 -14.33 18.82
N LEU A 33 -8.31 -13.35 19.40
CA LEU A 33 -8.89 -12.64 20.53
C LEU A 33 -10.04 -11.73 20.11
N THR A 34 -9.93 -11.07 18.96
CA THR A 34 -10.97 -10.19 18.45
C THR A 34 -11.90 -10.85 17.46
N GLY A 35 -11.49 -11.96 16.84
CA GLY A 35 -12.23 -12.52 15.73
C GLY A 35 -12.07 -11.79 14.42
N GLU A 36 -11.18 -10.80 14.35
CA GLU A 36 -10.98 -10.03 13.13
C GLU A 36 -10.13 -10.82 12.12
N MET A 37 -10.55 -10.79 10.86
CA MET A 37 -9.77 -11.41 9.79
C MET A 37 -8.60 -10.52 9.40
N VAL A 38 -7.44 -11.16 9.14
CA VAL A 38 -6.23 -10.47 8.74
C VAL A 38 -5.53 -11.27 7.65
N ALA A 39 -4.60 -10.62 6.97
CA ALA A 39 -3.71 -11.30 6.04
C ALA A 39 -2.33 -11.43 6.68
N ILE A 40 -1.73 -12.61 6.56
CA ILE A 40 -0.41 -12.85 7.12
C ILE A 40 0.54 -13.14 5.97
N LYS A 41 1.55 -12.29 5.82
CA LYS A 41 2.59 -12.51 4.83
C LYS A 41 3.68 -13.37 5.46
N ILE A 42 3.97 -14.51 4.85
CA ILE A 42 4.91 -15.48 5.39
C ILE A 42 6.13 -15.53 4.49
N MET A 43 7.31 -15.39 5.09
CA MET A 43 8.57 -15.45 4.38
C MET A 43 9.53 -16.38 5.13
N ASP A 44 10.26 -17.20 4.38
CA ASP A 44 11.30 -18.05 4.95
C ASP A 44 12.64 -17.34 4.81
N LYS A 45 13.36 -17.18 5.92
CA LYS A 45 14.55 -16.35 5.93
C LYS A 45 15.70 -16.97 5.15
N ASN A 46 15.79 -18.31 5.14
CA ASN A 46 16.88 -18.96 4.42
C ASN A 46 16.73 -18.79 2.91
N THR A 47 15.50 -18.83 2.41
CA THR A 47 15.18 -18.77 0.99
C THR A 47 15.49 -17.41 0.36
N LEU A 48 15.94 -16.42 1.13
CA LEU A 48 15.81 -15.05 0.69
C LEU A 48 17.14 -14.29 0.66
N GLY A 49 18.04 -14.60 1.60
CA GLY A 49 19.41 -14.11 1.59
C GLY A 49 19.66 -12.66 1.21
N SER A 50 19.70 -12.38 -0.09
CA SER A 50 20.08 -11.05 -0.57
C SER A 50 18.99 -10.01 -0.36
N ASP A 51 17.72 -10.41 -0.48
CA ASP A 51 16.60 -9.53 -0.18
C ASP A 51 16.08 -9.72 1.24
N LEU A 52 16.85 -10.39 2.09
CA LEU A 52 16.57 -10.34 3.52
C LEU A 52 16.68 -8.92 4.06
N PRO A 53 17.70 -8.12 3.72
CA PRO A 53 17.64 -6.70 4.08
C PRO A 53 16.53 -5.94 3.37
N ARG A 54 16.07 -6.42 2.20
CA ARG A 54 14.89 -5.81 1.58
C ARG A 54 13.69 -5.90 2.50
N ILE A 55 13.46 -7.08 3.08
CA ILE A 55 12.30 -7.28 3.93
C ILE A 55 12.38 -6.39 5.17
N LYS A 56 13.58 -6.22 5.71
CA LYS A 56 13.73 -5.37 6.89
C LYS A 56 13.43 -3.92 6.57
N THR A 57 13.81 -3.46 5.37
CA THR A 57 13.43 -2.12 4.94
C THR A 57 11.92 -2.03 4.69
N GLU A 58 11.33 -3.10 4.16
CA GLU A 58 9.87 -3.10 3.99
C GLU A 58 9.17 -2.98 5.34
N ILE A 59 9.65 -3.72 6.34
CA ILE A 59 9.01 -3.72 7.64
C ILE A 59 9.22 -2.37 8.32
N GLU A 60 10.47 -1.90 8.36
CA GLU A 60 10.76 -0.58 8.93
C GLU A 60 9.91 0.49 8.27
N ALA A 61 9.73 0.39 6.95
CA ALA A 61 8.92 1.38 6.24
C ALA A 61 7.46 1.29 6.65
N LEU A 62 6.93 0.07 6.82
CA LEU A 62 5.51 -0.08 7.13
C LEU A 62 5.20 0.37 8.55
N LYS A 63 6.15 0.21 9.48
CA LYS A 63 5.99 0.78 10.82
C LYS A 63 6.00 2.31 10.81
N ASN A 64 6.58 2.93 9.78
CA ASN A 64 6.67 4.38 9.70
C ASN A 64 5.60 4.99 8.81
N LEU A 65 4.75 4.18 8.20
CA LEU A 65 3.72 4.66 7.27
C LEU A 65 2.36 4.15 7.75
N ARG A 66 1.76 4.88 8.69
CA ARG A 66 0.40 4.62 9.15
C ARG A 66 -0.53 5.61 8.45
N HIS A 67 -1.38 5.11 7.56
CA HIS A 67 -2.14 5.97 6.67
C HIS A 67 -3.36 5.22 6.17
N GLN A 68 -4.45 5.95 5.96
CA GLN A 68 -5.73 5.38 5.58
C GLN A 68 -5.69 4.71 4.21
N HIS A 69 -4.67 4.97 3.39
CA HIS A 69 -4.54 4.32 2.09
C HIS A 69 -3.22 3.57 1.96
N ILE A 70 -2.65 3.13 3.07
CA ILE A 70 -1.48 2.26 3.07
C ILE A 70 -1.85 1.04 3.90
N CYS A 71 -1.60 -0.15 3.36
CA CYS A 71 -1.96 -1.38 4.06
C CYS A 71 -1.29 -1.42 5.42
N GLN A 72 -2.10 -1.45 6.47
CA GLN A 72 -1.60 -1.27 7.82
C GLN A 72 -0.94 -2.55 8.35
N LEU A 73 0.25 -2.40 8.91
CA LEU A 73 0.95 -3.49 9.58
C LEU A 73 0.48 -3.60 11.02
N TYR A 74 0.12 -4.82 11.43
CA TYR A 74 -0.36 -5.06 12.78
C TYR A 74 0.64 -5.74 13.70
N HIS A 75 1.51 -6.58 13.16
CA HIS A 75 2.26 -7.54 13.97
C HIS A 75 3.42 -8.05 13.13
N VAL A 76 4.62 -7.97 13.69
CA VAL A 76 5.82 -8.58 13.13
C VAL A 76 6.28 -9.66 14.08
N LEU A 77 6.38 -10.89 13.58
CA LEU A 77 6.81 -12.02 14.40
C LEU A 77 7.89 -12.77 13.63
N GLU A 78 9.10 -12.76 14.18
CA GLU A 78 10.24 -13.43 13.57
C GLU A 78 10.63 -14.63 14.42
N THR A 79 10.88 -15.75 13.77
CA THR A 79 11.33 -16.98 14.40
C THR A 79 12.70 -17.35 13.83
N ALA A 80 13.19 -18.53 14.21
CA ALA A 80 14.49 -18.99 13.72
C ALA A 80 14.53 -19.02 12.20
N ASN A 81 13.42 -19.41 11.56
CA ASN A 81 13.40 -19.60 10.12
C ASN A 81 12.40 -18.73 9.37
N LYS A 82 11.47 -18.07 10.07
CA LYS A 82 10.36 -17.40 9.42
C LYS A 82 10.25 -15.96 9.89
N ILE A 83 9.62 -15.14 9.05
CA ILE A 83 9.20 -13.79 9.40
C ILE A 83 7.74 -13.65 8.98
N PHE A 84 6.88 -13.37 9.96
CA PHE A 84 5.45 -13.21 9.72
C PHE A 84 5.08 -11.74 9.83
N MET A 85 4.34 -11.25 8.85
CA MET A 85 3.79 -9.89 8.89
C MET A 85 2.27 -10.00 8.85
N VAL A 86 1.62 -9.51 9.89
CA VAL A 86 0.16 -9.51 9.97
C VAL A 86 -0.33 -8.17 9.48
N LEU A 87 -1.22 -8.19 8.49
CA LEU A 87 -1.55 -7.01 7.73
C LEU A 87 -3.05 -6.87 7.57
N GLU A 88 -3.47 -5.63 7.31
CA GLU A 88 -4.85 -5.29 7.01
C GLU A 88 -5.36 -6.12 5.84
N TYR A 89 -6.46 -6.84 6.08
CA TYR A 89 -7.08 -7.69 5.06
C TYR A 89 -7.86 -6.83 4.06
N CYS A 90 -7.61 -7.05 2.77
CA CYS A 90 -8.25 -6.27 1.71
C CYS A 90 -9.08 -7.20 0.83
N PRO A 91 -10.30 -7.55 1.27
CA PRO A 91 -11.11 -8.51 0.49
C PRO A 91 -11.52 -8.02 -0.89
N GLY A 92 -11.38 -6.74 -1.20
CA GLY A 92 -11.86 -6.21 -2.47
C GLY A 92 -10.97 -6.50 -3.66
N GLY A 93 -9.83 -7.14 -3.46
CA GLY A 93 -8.98 -7.51 -4.56
C GLY A 93 -8.15 -6.35 -5.10
N GLU A 94 -7.43 -6.65 -6.17
CA GLU A 94 -6.49 -5.72 -6.77
C GLU A 94 -7.20 -4.69 -7.64
N LEU A 95 -6.60 -3.49 -7.70
CA LEU A 95 -7.04 -2.50 -8.67
C LEU A 95 -6.99 -3.05 -10.09
N PHE A 96 -6.01 -3.93 -10.36
CA PHE A 96 -5.95 -4.60 -11.66
C PHE A 96 -7.28 -5.23 -12.02
N ASP A 97 -7.87 -5.97 -11.08
CA ASP A 97 -9.14 -6.66 -11.33
C ASP A 97 -10.26 -5.68 -11.63
N TYR A 98 -10.37 -4.62 -10.83
CA TYR A 98 -11.42 -3.62 -11.03
C TYR A 98 -11.35 -3.05 -12.43
N ILE A 99 -10.15 -2.67 -12.88
CA ILE A 99 -9.98 -2.09 -14.21
C ILE A 99 -10.38 -3.10 -15.29
N ILE A 100 -9.84 -4.31 -15.19
CA ILE A 100 -10.04 -5.28 -16.27
C ILE A 100 -11.49 -5.72 -16.33
N SER A 101 -12.21 -5.70 -15.21
CA SER A 101 -13.62 -6.09 -15.24
C SER A 101 -14.49 -4.98 -15.83
N GLN A 102 -14.09 -3.72 -15.65
CA GLN A 102 -14.82 -2.59 -16.21
C GLN A 102 -14.33 -2.22 -17.61
N ASP A 103 -13.39 -2.98 -18.19
CA ASP A 103 -12.69 -2.63 -19.42
C ASP A 103 -11.83 -1.38 -19.20
N ARG A 104 -12.46 -0.30 -18.78
CA ARG A 104 -11.77 0.93 -18.38
C ARG A 104 -12.73 1.74 -17.51
N LEU A 105 -12.18 2.68 -16.76
CA LEU A 105 -12.97 3.53 -15.89
C LEU A 105 -13.28 4.85 -16.59
N SER A 106 -14.47 5.38 -16.30
CA SER A 106 -14.77 6.74 -16.70
C SER A 106 -13.82 7.71 -15.98
N GLU A 107 -13.82 8.96 -16.45
CA GLU A 107 -12.96 9.95 -15.83
C GLU A 107 -13.32 10.15 -14.37
N GLU A 108 -14.63 10.10 -14.04
CA GLU A 108 -15.05 10.31 -12.66
C GLU A 108 -14.60 9.17 -11.76
N GLU A 109 -14.85 7.91 -12.18
CA GLU A 109 -14.39 6.77 -11.41
C GLU A 109 -12.87 6.75 -11.29
N THR A 110 -12.18 7.15 -12.36
CA THR A 110 -10.72 7.27 -12.29
C THR A 110 -10.31 8.23 -11.19
N ARG A 111 -10.92 9.42 -11.13
CA ARG A 111 -10.48 10.41 -10.15
C ARG A 111 -10.79 9.96 -8.72
N VAL A 112 -11.93 9.28 -8.51
CA VAL A 112 -12.21 8.69 -7.20
C VAL A 112 -11.04 7.82 -6.77
N VAL A 113 -10.57 6.96 -7.68
CA VAL A 113 -9.46 6.07 -7.35
C VAL A 113 -8.15 6.86 -7.28
N PHE A 114 -7.92 7.74 -8.25
CA PHE A 114 -6.61 8.38 -8.38
C PHE A 114 -6.32 9.31 -7.20
N ARG A 115 -7.35 9.99 -6.68
CA ARG A 115 -7.14 10.83 -5.51
C ARG A 115 -6.66 10.02 -4.32
N GLN A 116 -7.11 8.77 -4.20
CA GLN A 116 -6.61 7.93 -3.12
C GLN A 116 -5.16 7.53 -3.34
N ILE A 117 -4.78 7.28 -4.60
CA ILE A 117 -3.39 6.99 -4.91
C ILE A 117 -2.51 8.19 -4.58
N VAL A 118 -2.90 9.36 -5.09
CA VAL A 118 -2.17 10.60 -4.80
C VAL A 118 -2.05 10.79 -3.30
N SER A 119 -3.14 10.56 -2.57
CA SER A 119 -3.11 10.68 -1.11
C SER A 119 -2.02 9.80 -0.52
N ALA A 120 -1.97 8.53 -0.92
CA ALA A 120 -1.02 7.60 -0.33
C ALA A 120 0.42 7.94 -0.71
N VAL A 121 0.66 8.25 -1.98
CA VAL A 121 2.03 8.47 -2.41
C VAL A 121 2.58 9.79 -1.89
N ALA A 122 1.74 10.82 -1.76
CA ALA A 122 2.20 12.07 -1.16
C ALA A 122 2.60 11.86 0.30
N TYR A 123 1.82 11.07 1.05
CA TYR A 123 2.20 10.78 2.42
C TYR A 123 3.51 10.01 2.47
N VAL A 124 3.69 9.04 1.56
CA VAL A 124 4.93 8.28 1.52
C VAL A 124 6.13 9.21 1.32
N HIS A 125 6.02 10.16 0.40
CA HIS A 125 7.11 11.09 0.17
C HIS A 125 7.32 12.02 1.37
N SER A 126 6.23 12.42 2.02
CA SER A 126 6.35 13.29 3.18
C SER A 126 7.14 12.62 4.30
N GLN A 127 7.16 11.30 4.34
CA GLN A 127 7.90 10.59 5.38
C GLN A 127 9.31 10.23 4.96
N GLY A 128 9.75 10.72 3.80
CA GLY A 128 11.11 10.48 3.33
C GLY A 128 11.28 9.24 2.48
N TYR A 129 10.20 8.60 2.07
CA TYR A 129 10.25 7.37 1.28
C TYR A 129 9.81 7.62 -0.16
N ALA A 130 10.09 6.62 -0.99
CA ALA A 130 9.52 6.49 -2.32
C ALA A 130 9.12 5.04 -2.53
N HIS A 131 8.00 4.81 -3.19
CA HIS A 131 7.53 3.44 -3.31
C HIS A 131 8.34 2.65 -4.34
N ARG A 132 8.42 3.16 -5.56
CA ARG A 132 9.22 2.69 -6.70
C ARG A 132 8.65 1.46 -7.39
N ASP A 133 7.47 0.96 -7.00
CA ASP A 133 6.81 -0.11 -7.73
C ASP A 133 5.30 0.15 -7.74
N LEU A 134 4.92 1.37 -8.09
CA LEU A 134 3.52 1.73 -8.16
C LEU A 134 2.90 1.11 -9.41
N LYS A 135 1.81 0.37 -9.22
CA LYS A 135 1.15 -0.36 -10.30
C LYS A 135 -0.15 -0.94 -9.74
N PRO A 136 -1.12 -1.26 -10.62
CA PRO A 136 -2.45 -1.66 -10.12
C PRO A 136 -2.43 -2.94 -9.31
N GLU A 137 -1.43 -3.80 -9.50
CA GLU A 137 -1.30 -5.00 -8.68
C GLU A 137 -0.90 -4.67 -7.25
N ASN A 138 -0.35 -3.49 -6.99
CA ASN A 138 0.07 -3.11 -5.64
C ASN A 138 -0.92 -2.16 -4.97
N LEU A 139 -2.15 -2.12 -5.45
CA LEU A 139 -3.20 -1.28 -4.88
C LEU A 139 -4.45 -2.15 -4.73
N LEU A 140 -4.87 -2.39 -3.48
CA LEU A 140 -5.98 -3.26 -3.17
C LEU A 140 -7.15 -2.47 -2.60
N PHE A 141 -8.35 -3.00 -2.77
CA PHE A 141 -9.55 -2.44 -2.15
C PHE A 141 -9.87 -3.22 -0.88
N ASP A 142 -10.20 -2.51 0.19
CA ASP A 142 -10.72 -3.19 1.37
C ASP A 142 -12.23 -3.38 1.18
N GLU A 143 -12.92 -3.75 2.25
CA GLU A 143 -14.35 -4.06 2.11
C GLU A 143 -15.20 -2.82 1.94
N TYR A 144 -14.66 -1.64 2.25
CA TYR A 144 -15.37 -0.36 2.09
C TYR A 144 -14.99 0.35 0.79
N HIS A 145 -14.35 -0.35 -0.14
CA HIS A 145 -13.97 0.20 -1.44
C HIS A 145 -12.95 1.32 -1.31
N LYS A 146 -12.10 1.24 -0.29
CA LYS A 146 -11.01 2.18 -0.08
C LYS A 146 -9.71 1.52 -0.52
N LEU A 147 -8.87 2.29 -1.23
CA LEU A 147 -7.63 1.75 -1.75
C LEU A 147 -6.55 1.66 -0.67
N LYS A 148 -5.72 0.63 -0.80
CA LYS A 148 -4.62 0.37 0.14
C LYS A 148 -3.37 0.05 -0.66
N LEU A 149 -2.35 0.88 -0.52
CA LEU A 149 -1.08 0.64 -1.19
C LEU A 149 -0.29 -0.43 -0.43
N ILE A 150 0.32 -1.36 -1.18
CA ILE A 150 1.03 -2.49 -0.59
C ILE A 150 2.40 -2.63 -1.22
N ASP A 151 3.19 -3.52 -0.63
CA ASP A 151 4.48 -3.99 -1.14
C ASP A 151 5.54 -2.89 -1.20
N PHE A 152 6.19 -2.65 -0.06
CA PHE A 152 7.28 -1.69 0.04
C PHE A 152 8.65 -2.38 0.01
N GLY A 153 8.73 -3.56 -0.62
CA GLY A 153 9.99 -4.27 -0.75
C GLY A 153 10.99 -3.57 -1.65
N LEU A 154 10.52 -2.77 -2.59
CA LEU A 154 11.39 -1.99 -3.46
C LEU A 154 11.45 -0.53 -3.06
N CYS A 155 10.97 -0.17 -1.87
CA CYS A 155 10.89 1.23 -1.49
C CYS A 155 12.28 1.79 -1.24
N ALA A 156 12.41 3.10 -1.45
CA ALA A 156 13.68 3.80 -1.25
C ALA A 156 13.68 4.55 0.07
N LYS A 157 14.79 4.44 0.78
CA LYS A 157 15.11 5.28 1.94
C LYS A 157 14.02 5.32 3.02
N GLY A 171 11.59 -2.95 -10.32
CA GLY A 171 10.22 -2.53 -10.58
C GLY A 171 9.62 -3.18 -11.83
N SER A 172 8.31 -3.04 -11.98
CA SER A 172 7.63 -3.56 -13.17
C SER A 172 7.92 -2.64 -14.36
N LEU A 173 8.38 -3.26 -15.45
CA LEU A 173 9.04 -2.52 -16.51
C LEU A 173 8.10 -1.50 -17.17
N ALA A 174 6.85 -1.89 -17.42
CA ALA A 174 5.92 -1.00 -18.11
C ALA A 174 5.56 0.24 -17.29
N TYR A 175 5.84 0.25 -15.99
CA TYR A 175 5.56 1.40 -15.13
C TYR A 175 6.82 2.16 -14.72
N ALA A 176 7.99 1.72 -15.18
CA ALA A 176 9.25 2.34 -14.77
C ALA A 176 9.56 3.58 -15.60
N ALA A 177 10.10 4.60 -14.94
CA ALA A 177 10.44 5.84 -15.61
C ALA A 177 11.61 5.63 -16.58
N PRO A 178 11.69 6.45 -17.63
CA PRO A 178 12.81 6.32 -18.58
C PRO A 178 14.18 6.26 -17.93
N GLU A 179 14.46 7.11 -16.92
CA GLU A 179 15.81 7.19 -16.39
C GLU A 179 16.23 5.90 -15.67
N LEU A 180 15.28 5.15 -15.12
CA LEU A 180 15.60 3.85 -14.54
C LEU A 180 15.96 2.83 -15.62
N ILE A 181 15.27 2.91 -16.77
CA ILE A 181 15.53 1.98 -17.86
C ILE A 181 16.90 2.21 -18.48
N GLN A 182 17.37 3.46 -18.46
CA GLN A 182 18.73 3.74 -18.90
C GLN A 182 19.79 3.36 -17.88
N GLY A 183 19.39 2.86 -16.72
CA GLY A 183 20.36 2.60 -15.67
C GLY A 183 21.00 3.85 -15.13
N LYS A 184 20.25 4.95 -15.09
CA LYS A 184 20.76 6.23 -14.64
C LYS A 184 20.34 6.49 -13.19
N SER A 185 20.97 7.52 -12.61
CA SER A 185 20.53 8.03 -11.32
C SER A 185 19.15 8.65 -11.42
N TYR A 186 18.41 8.58 -10.32
CA TYR A 186 17.06 9.14 -10.33
C TYR A 186 16.65 9.47 -8.90
N LEU A 187 15.65 10.35 -8.81
CA LEU A 187 14.97 10.64 -7.56
C LEU A 187 13.75 9.75 -7.43
N GLY A 188 13.56 9.19 -6.23
CA GLY A 188 12.42 8.30 -6.02
C GLY A 188 11.09 8.96 -6.29
N SER A 189 10.95 10.23 -5.89
CA SER A 189 9.65 10.89 -6.03
C SER A 189 9.32 11.14 -7.50
N GLU A 190 10.32 11.50 -8.30
CA GLU A 190 10.08 11.68 -9.73
C GLU A 190 9.72 10.37 -10.41
N ALA A 191 10.31 9.26 -9.97
CA ALA A 191 9.95 7.96 -10.52
C ALA A 191 8.54 7.56 -10.12
N ASP A 192 8.14 7.87 -8.88
CA ASP A 192 6.77 7.57 -8.47
C ASP A 192 5.76 8.38 -9.29
N VAL A 193 6.10 9.64 -9.60
CA VAL A 193 5.17 10.47 -10.37
C VAL A 193 5.00 9.92 -11.78
N TRP A 194 6.10 9.49 -12.41
CA TRP A 194 5.97 8.84 -13.72
C TRP A 194 5.07 7.62 -13.64
N SER A 195 5.33 6.70 -12.70
CA SER A 195 4.50 5.51 -12.55
C SER A 195 3.03 5.88 -12.33
N MET A 196 2.77 6.93 -11.56
CA MET A 196 1.38 7.35 -11.35
C MET A 196 0.77 7.88 -12.64
N GLY A 197 1.60 8.49 -13.50
CA GLY A 197 1.12 8.86 -14.82
C GLY A 197 0.73 7.65 -15.65
N ILE A 198 1.51 6.56 -15.54
CA ILE A 198 1.13 5.32 -16.20
C ILE A 198 -0.18 4.79 -15.61
N LEU A 199 -0.30 4.82 -14.28
CA LEU A 199 -1.52 4.36 -13.62
C LEU A 199 -2.74 5.13 -14.11
N LEU A 200 -2.62 6.45 -14.24
CA LEU A 200 -3.76 7.25 -14.66
C LEU A 200 -4.16 6.93 -16.09
N TYR A 201 -3.18 6.67 -16.95
CA TYR A 201 -3.50 6.24 -18.32
C TYR A 201 -4.25 4.92 -18.32
N VAL A 202 -3.77 3.95 -17.54
CA VAL A 202 -4.37 2.62 -17.52
C VAL A 202 -5.79 2.69 -16.96
N LEU A 203 -6.00 3.50 -15.92
CA LEU A 203 -7.33 3.64 -15.34
C LEU A 203 -8.34 4.08 -16.38
N MET A 204 -7.96 5.02 -17.25
CA MET A 204 -8.90 5.64 -18.19
C MET A 204 -8.92 4.97 -19.56
N CYS A 205 -7.97 4.08 -19.86
CA CYS A 205 -7.89 3.45 -21.16
C CYS A 205 -8.01 1.93 -21.11
N GLY A 206 -7.67 1.30 -19.99
CA GLY A 206 -7.70 -0.14 -19.89
C GLY A 206 -6.51 -0.87 -20.50
N PHE A 207 -5.54 -0.13 -21.04
CA PHE A 207 -4.33 -0.73 -21.59
C PHE A 207 -3.15 0.21 -21.32
N LEU A 208 -1.95 -0.28 -21.60
CA LEU A 208 -0.74 0.46 -21.25
C LEU A 208 -0.40 1.50 -22.32
N PRO A 209 0.23 2.59 -21.93
CA PRO A 209 0.68 3.56 -22.94
C PRO A 209 1.93 3.10 -23.67
N PHE A 210 2.73 2.25 -23.02
CA PHE A 210 3.95 1.69 -23.59
C PHE A 210 3.90 0.19 -23.41
N ASP A 211 3.84 -0.54 -24.53
CA ASP A 211 3.74 -1.99 -24.45
C ASP A 211 4.34 -2.62 -25.69
N ASP A 212 4.98 -3.77 -25.50
CA ASP A 212 5.55 -4.53 -26.61
C ASP A 212 5.89 -5.92 -26.09
N ASP A 213 5.71 -6.91 -26.96
CA ASP A 213 6.11 -8.27 -26.61
C ASP A 213 7.62 -8.39 -26.48
N ASN A 214 8.37 -7.55 -27.17
CA ASN A 214 9.83 -7.56 -27.12
C ASN A 214 10.31 -6.46 -26.18
N VAL A 215 11.16 -6.84 -25.22
CA VAL A 215 11.54 -5.92 -24.15
C VAL A 215 12.37 -4.75 -24.70
N MET A 216 13.29 -5.01 -25.63
CA MET A 216 14.10 -3.91 -26.16
C MET A 216 13.24 -2.90 -26.90
N ALA A 217 12.25 -3.37 -27.65
CA ALA A 217 11.32 -2.45 -28.30
C ALA A 217 10.53 -1.64 -27.28
N LEU A 218 10.26 -2.22 -26.11
CA LEU A 218 9.48 -1.50 -25.12
C LEU A 218 10.37 -0.54 -24.33
N TYR A 219 11.64 -0.91 -24.10
CA TYR A 219 12.63 0.07 -23.68
C TYR A 219 12.59 1.32 -24.55
N LYS A 220 12.65 1.12 -25.87
CA LYS A 220 12.73 2.27 -26.77
C LYS A 220 11.45 3.08 -26.77
N LYS A 221 10.30 2.40 -26.66
CA LYS A 221 9.03 3.13 -26.60
C LYS A 221 8.93 3.98 -25.34
N ILE A 222 9.40 3.46 -24.21
CA ILE A 222 9.31 4.21 -22.97
C ILE A 222 10.22 5.43 -23.01
N MET A 223 11.46 5.26 -23.47
CA MET A 223 12.39 6.38 -23.51
C MET A 223 11.99 7.43 -24.53
N ARG A 224 11.32 7.01 -25.62
CA ARG A 224 10.81 7.99 -26.57
C ARG A 224 9.64 8.78 -25.97
N GLY A 225 8.76 8.10 -25.25
CA GLY A 225 7.70 8.78 -24.52
C GLY A 225 6.44 9.07 -25.31
N LYS A 226 6.33 8.59 -26.54
CA LYS A 226 5.13 8.80 -27.33
C LYS A 226 4.12 7.68 -27.08
N TYR A 227 2.85 8.06 -26.91
CA TYR A 227 1.79 7.10 -26.68
C TYR A 227 0.54 7.56 -27.41
N ASP A 228 -0.30 6.60 -27.76
CA ASP A 228 -1.58 6.94 -28.36
C ASP A 228 -2.48 7.63 -27.34
N VAL A 229 -3.30 8.56 -27.83
CA VAL A 229 -4.22 9.34 -27.02
C VAL A 229 -5.65 9.01 -27.47
N PRO A 230 -6.33 8.10 -26.80
CA PRO A 230 -7.66 7.69 -27.26
C PRO A 230 -8.64 8.85 -27.28
N LYS A 231 -9.59 8.79 -28.21
CA LYS A 231 -10.49 9.90 -28.45
C LYS A 231 -11.45 10.15 -27.30
N TRP A 232 -11.61 9.19 -26.39
CA TRP A 232 -12.53 9.36 -25.27
C TRP A 232 -11.92 10.11 -24.09
N LEU A 233 -10.65 10.51 -24.17
CA LEU A 233 -10.03 11.26 -23.10
C LEU A 233 -10.36 12.74 -23.21
N SER A 234 -10.86 13.33 -22.10
CA SER A 234 -11.13 14.75 -22.07
C SER A 234 -9.83 15.53 -22.28
N PRO A 235 -9.92 16.78 -22.78
CA PRO A 235 -8.70 17.60 -22.89
C PRO A 235 -7.97 17.77 -21.58
N SER A 236 -8.72 17.90 -20.48
CA SER A 236 -8.09 18.06 -19.17
C SER A 236 -7.32 16.83 -18.76
N SER A 237 -7.87 15.64 -19.00
CA SER A 237 -7.14 14.40 -18.74
C SER A 237 -5.84 14.34 -19.55
N ILE A 238 -5.90 14.82 -20.80
CA ILE A 238 -4.75 14.73 -21.68
C ILE A 238 -3.60 15.57 -21.15
N LEU A 239 -3.90 16.75 -20.61
CA LEU A 239 -2.85 17.63 -20.14
C LEU A 239 -2.20 17.11 -18.87
N LEU A 240 -3.00 16.58 -17.93
CA LEU A 240 -2.41 16.00 -16.73
C LEU A 240 -1.52 14.80 -17.08
N LEU A 241 -1.96 13.99 -18.05
CA LEU A 241 -1.12 12.91 -18.54
C LEU A 241 0.22 13.42 -19.04
N GLN A 242 0.22 14.52 -19.79
CA GLN A 242 1.46 15.04 -20.36
C GLN A 242 2.38 15.63 -19.28
N GLN A 243 1.80 16.19 -18.21
CA GLN A 243 2.62 16.77 -17.16
C GLN A 243 3.25 15.71 -16.25
N MET A 244 2.65 14.53 -16.15
CA MET A 244 3.26 13.45 -15.39
C MET A 244 4.17 12.57 -16.23
N LEU A 245 3.82 12.35 -17.49
CA LEU A 245 4.61 11.50 -18.39
C LEU A 245 5.56 12.37 -19.20
N GLN A 246 6.51 12.98 -18.51
CA GLN A 246 7.60 13.70 -19.13
C GLN A 246 8.87 12.88 -19.00
N VAL A 247 9.54 12.63 -20.11
CA VAL A 247 10.75 11.80 -20.12
C VAL A 247 11.84 12.45 -19.27
N ASP A 248 11.94 13.78 -19.31
CA ASP A 248 12.90 14.48 -18.47
C ASP A 248 12.29 14.63 -17.07
N PRO A 249 12.86 13.99 -16.05
CA PRO A 249 12.23 14.03 -14.72
C PRO A 249 12.16 15.42 -14.12
N LYS A 250 12.97 16.37 -14.58
CA LYS A 250 12.91 17.72 -14.04
C LYS A 250 11.67 18.47 -14.51
N LYS A 251 11.03 18.04 -15.59
CA LYS A 251 9.84 18.69 -16.11
C LYS A 251 8.56 17.99 -15.71
N ARG A 252 8.63 16.99 -14.84
CA ARG A 252 7.42 16.33 -14.38
C ARG A 252 6.79 17.13 -13.24
N ILE A 253 5.46 17.11 -13.20
CA ILE A 253 4.73 17.86 -12.19
C ILE A 253 5.20 17.45 -10.81
N SER A 254 5.35 18.43 -9.94
CA SER A 254 5.66 18.18 -8.54
C SER A 254 4.47 17.50 -7.86
N MET A 255 4.78 16.73 -6.82
CA MET A 255 3.69 16.15 -6.02
C MET A 255 2.85 17.23 -5.38
N LYS A 256 3.50 18.31 -4.92
CA LYS A 256 2.80 19.46 -4.36
C LYS A 256 1.77 20.01 -5.33
N ASN A 257 2.14 20.13 -6.62
CA ASN A 257 1.20 20.68 -7.59
C ASN A 257 0.17 19.68 -8.06
N LEU A 258 0.38 18.39 -7.80
CA LEU A 258 -0.63 17.39 -8.12
C LEU A 258 -1.77 17.42 -7.11
N LEU A 259 -1.51 17.84 -5.86
CA LEU A 259 -2.49 17.78 -4.80
C LEU A 259 -3.69 18.67 -5.05
N ASN A 260 -3.50 19.82 -5.71
CA ASN A 260 -4.59 20.71 -6.02
C ASN A 260 -4.63 21.05 -7.50
N HIS A 261 -4.12 20.13 -8.31
CA HIS A 261 -4.21 20.28 -9.76
C HIS A 261 -5.64 20.43 -10.19
N PRO A 262 -5.95 21.28 -11.18
CA PRO A 262 -7.35 21.51 -11.57
C PRO A 262 -8.11 20.23 -11.92
N TRP A 263 -7.49 19.28 -12.61
CA TRP A 263 -8.19 18.04 -12.93
C TRP A 263 -8.50 17.25 -11.65
N ILE A 264 -7.57 17.25 -10.69
CA ILE A 264 -7.79 16.60 -9.41
C ILE A 264 -8.97 17.22 -8.69
N MET A 265 -9.07 18.56 -8.71
CA MET A 265 -10.10 19.30 -7.98
C MET A 265 -11.48 19.13 -8.57
N GLN A 266 -11.59 18.84 -9.87
CA GLN A 266 -12.88 18.79 -10.54
C GLN A 266 -13.84 17.87 -9.81
N ASP A 267 -15.06 18.36 -9.59
CA ASP A 267 -16.16 17.69 -8.89
C ASP A 267 -15.90 17.49 -7.40
N TYR A 268 -14.78 17.99 -6.88
CA TYR A 268 -14.45 17.87 -5.46
C TYR A 268 -14.28 19.22 -4.79
N ASN A 269 -13.51 20.13 -5.39
CA ASN A 269 -13.28 21.50 -4.95
C ASN A 269 -12.43 21.61 -3.68
N TYR A 270 -11.75 20.54 -3.27
CA TYR A 270 -10.77 20.64 -2.19
C TYR A 270 -9.58 19.77 -2.57
N PRO A 271 -8.36 20.16 -2.18
CA PRO A 271 -7.18 19.39 -2.59
C PRO A 271 -7.22 17.99 -2.00
N VAL A 272 -6.30 17.15 -2.48
CA VAL A 272 -6.19 15.80 -1.95
C VAL A 272 -5.71 15.89 -0.50
N GLU A 273 -6.49 15.30 0.42
CA GLU A 273 -6.06 15.20 1.81
C GLU A 273 -5.05 14.06 1.89
N TRP A 274 -3.78 14.42 2.01
CA TRP A 274 -2.71 13.43 2.05
C TRP A 274 -2.27 13.09 3.46
N GLN A 275 -2.49 13.97 4.43
CA GLN A 275 -2.06 13.72 5.80
C GLN A 275 -2.79 12.52 6.37
N SER A 276 -2.09 11.77 7.23
CA SER A 276 -2.69 10.61 7.86
C SER A 276 -3.85 11.04 8.75
N LYS A 277 -4.93 10.25 8.72
CA LYS A 277 -6.12 10.56 9.51
C LYS A 277 -6.01 10.05 10.95
N ASN A 278 -5.11 9.09 11.22
CA ASN A 278 -5.00 8.46 12.53
C ASN A 278 -4.07 9.17 13.52
N PRO A 279 -2.99 9.86 13.05
CA PRO A 279 -1.72 9.92 13.78
C PRO A 279 -1.52 9.16 15.09
N PHE A 280 -0.54 9.61 15.85
CA PHE A 280 -0.22 9.05 17.17
C PHE A 280 -0.90 9.89 18.26
N ILE A 281 -2.23 9.88 18.22
CA ILE A 281 -3.03 10.64 19.17
C ILE A 281 -3.15 9.87 20.46
N HIS A 282 -4.19 10.17 21.25
CA HIS A 282 -4.43 9.40 22.44
C HIS A 282 -5.01 8.03 22.07
N LEU A 283 -4.89 7.09 23.00
CA LEU A 283 -5.43 5.76 22.81
C LEU A 283 -6.94 5.79 23.09
N ASP A 284 -7.66 4.87 22.45
CA ASP A 284 -9.10 4.78 22.63
C ASP A 284 -9.42 4.13 23.96
N ASP A 285 -10.20 4.82 24.79
CA ASP A 285 -10.37 4.43 26.19
C ASP A 285 -11.05 3.06 26.32
N ASP A 286 -12.11 2.82 25.55
CA ASP A 286 -12.78 1.52 25.62
C ASP A 286 -11.84 0.39 25.24
N CYS A 287 -10.93 0.64 24.29
CA CYS A 287 -10.01 -0.41 23.86
C CYS A 287 -8.99 -0.73 24.95
N VAL A 288 -8.33 0.29 25.52
CA VAL A 288 -7.31 -0.01 26.53
C VAL A 288 -7.96 -0.60 27.79
N THR A 289 -9.22 -0.26 28.08
CA THR A 289 -9.90 -0.84 29.23
C THR A 289 -10.12 -2.33 29.05
N GLU A 290 -10.62 -2.74 27.88
CA GLU A 290 -10.85 -4.16 27.62
C GLU A 290 -9.52 -4.92 27.52
N LEU A 291 -8.48 -4.28 26.98
CA LEU A 291 -7.15 -4.88 26.96
C LEU A 291 -6.64 -5.16 28.36
N SER A 292 -6.74 -4.18 29.25
CA SER A 292 -6.19 -4.34 30.59
C SER A 292 -6.91 -5.44 31.35
N VAL A 293 -8.19 -5.69 31.03
CA VAL A 293 -8.92 -6.78 31.66
C VAL A 293 -8.41 -8.16 31.26
N HIS A 294 -7.47 -8.24 30.33
CA HIS A 294 -6.94 -9.51 29.84
C HIS A 294 -5.42 -9.66 30.08
N HIS A 295 -4.81 -8.87 30.98
CA HIS A 295 -3.36 -8.79 30.99
C HIS A 295 -2.68 -8.70 32.36
N ARG A 296 -3.36 -8.94 33.46
CA ARG A 296 -2.78 -8.90 34.80
C ARG A 296 -2.01 -7.61 35.08
N ASN A 297 -2.44 -6.49 34.49
CA ASN A 297 -1.78 -5.21 34.69
C ASN A 297 -2.83 -4.13 34.90
N ASN A 298 -2.41 -3.02 35.50
CA ASN A 298 -3.31 -1.89 35.64
C ASN A 298 -3.39 -1.12 34.32
N ARG A 299 -4.30 -0.14 34.29
CA ARG A 299 -4.56 0.56 33.03
C ARG A 299 -3.38 1.41 32.59
N GLN A 300 -2.79 2.16 33.52
CA GLN A 300 -1.63 2.99 33.18
C GLN A 300 -0.49 2.15 32.63
N THR A 301 -0.18 1.03 33.30
CA THR A 301 0.83 0.11 32.79
C THR A 301 0.45 -0.39 31.39
N MET A 302 -0.83 -0.71 31.18
CA MET A 302 -1.27 -1.18 29.88
C MET A 302 -1.19 -0.06 28.84
N GLU A 303 -1.58 1.16 29.21
CA GLU A 303 -1.46 2.30 28.30
C GLU A 303 0.00 2.54 27.92
N ASP A 304 0.92 2.37 28.89
CA ASP A 304 2.33 2.54 28.58
C ASP A 304 2.84 1.48 27.62
N LEU A 305 2.41 0.22 27.81
CA LEU A 305 2.86 -0.85 26.93
C LEU A 305 2.42 -0.62 25.49
N ILE A 306 1.16 -0.19 25.30
CA ILE A 306 0.68 0.03 23.94
C ILE A 306 1.46 1.14 23.26
N SER A 307 1.88 2.15 24.03
CA SER A 307 2.53 3.32 23.44
C SER A 307 3.95 3.02 22.94
N LEU A 308 4.53 1.89 23.34
CA LEU A 308 5.84 1.50 22.79
C LEU A 308 5.75 1.00 21.35
N TRP A 309 4.58 0.54 20.91
CA TRP A 309 4.31 0.16 19.53
C TRP A 309 5.41 -0.75 18.96
N GLN A 310 5.60 -1.89 19.62
CA GLN A 310 6.64 -2.83 19.20
C GLN A 310 6.17 -3.76 18.10
N TYR A 311 4.93 -3.63 17.64
CA TYR A 311 4.34 -4.53 16.65
C TYR A 311 4.46 -5.98 17.10
N ASP A 312 4.30 -6.20 18.40
CA ASP A 312 4.13 -7.52 18.97
C ASP A 312 2.63 -7.84 18.97
N HIS A 313 2.22 -8.86 19.73
CA HIS A 313 0.82 -9.24 19.75
C HIS A 313 -0.06 -8.18 20.39
N LEU A 314 0.50 -7.36 21.27
CA LEU A 314 -0.31 -6.33 21.92
C LEU A 314 -0.67 -5.22 20.92
N THR A 315 0.30 -4.79 20.12
CA THR A 315 0.01 -3.84 19.05
C THR A 315 -1.12 -4.35 18.16
N ALA A 316 -1.04 -5.63 17.77
CA ALA A 316 -2.06 -6.21 16.90
C ALA A 316 -3.42 -6.24 17.58
N THR A 317 -3.48 -6.74 18.82
CA THR A 317 -4.75 -6.79 19.54
C THR A 317 -5.35 -5.40 19.69
N TYR A 318 -4.53 -4.40 20.03
CA TYR A 318 -5.05 -3.05 20.18
C TYR A 318 -5.63 -2.53 18.87
N LEU A 319 -4.84 -2.61 17.79
CA LEU A 319 -5.26 -2.05 16.50
C LEU A 319 -6.50 -2.77 15.97
N LEU A 320 -6.56 -4.09 16.15
CA LEU A 320 -7.72 -4.84 15.66
C LEU A 320 -8.93 -4.69 16.56
N LEU A 321 -8.74 -4.55 17.87
CA LEU A 321 -9.86 -4.19 18.72
C LEU A 321 -10.38 -2.81 18.35
N LEU A 322 -9.49 -1.91 17.94
CA LEU A 322 -9.91 -0.60 17.45
C LEU A 322 -10.73 -0.73 16.17
N ALA A 323 -10.26 -1.55 15.22
CA ALA A 323 -11.01 -1.72 13.98
C ALA A 323 -12.36 -2.37 14.24
N LYS A 324 -12.40 -3.31 15.17
CA LYS A 324 -13.65 -4.00 15.49
C LYS A 324 -14.63 -3.07 16.19
N LYS A 325 -14.12 -2.10 16.95
CA LYS A 325 -15.00 -1.09 17.53
C LYS A 325 -15.60 -0.20 16.45
N ALA A 326 -14.76 0.26 15.51
CA ALA A 326 -15.25 1.05 14.40
C ALA A 326 -16.28 0.31 13.56
N ARG A 327 -16.27 -1.03 13.62
CA ARG A 327 -17.22 -1.85 12.87
C ARG A 327 -18.60 -1.88 13.52
N GLY A 328 -18.77 -1.31 14.70
CA GLY A 328 -20.04 -1.34 15.40
C GLY A 328 -20.29 -2.60 16.22
N LYS A 329 -19.28 -3.45 16.42
CA LYS A 329 -19.37 -4.70 17.15
C LYS A 329 -18.86 -4.51 18.57
N PRO A 330 -19.21 -5.43 19.48
CA PRO A 330 -18.79 -5.27 20.88
C PRO A 330 -17.29 -5.06 21.01
N VAL A 331 -16.89 -4.22 21.97
CA VAL A 331 -15.48 -4.01 22.24
C VAL A 331 -15.02 -5.08 23.21
N ARG A 332 -14.85 -6.30 22.72
CA ARG A 332 -14.60 -7.45 23.57
C ARG A 332 -13.54 -8.36 22.96
N LEU A 333 -12.79 -9.01 23.84
CA LEU A 333 -11.82 -10.02 23.49
C LEU A 333 -12.28 -11.38 23.98
N ARG A 334 -11.86 -12.43 23.27
CA ARG A 334 -12.31 -13.79 23.58
C ARG A 334 -11.73 -14.29 24.91
C1 7LV B . 1.73 -11.25 -6.12
C2 7LV B . 1.77 -10.01 -4.06
C3 7LV B . 0.29 -10.34 -3.85
C4 7LV B . 0.14 -11.05 -2.51
C5 7LV B . -1.32 -11.43 -2.27
C6 7LV B . -2.14 -10.16 -2.25
O1 7LV B . 3.82 -6.57 0.84
N1 7LV B . -3.57 -10.41 -1.93
C7 7LV B . -2.00 -9.37 -3.56
C8 7LV B . -0.54 -9.06 -3.86
N2 7LV B . -5.73 -11.42 -2.59
CL1 7LV B . 2.17 -4.57 2.56
C24 7LV B . 1.57 -6.05 1.74
C23 7LV B . 2.49 -6.89 0.97
C22 7LV B . 1.95 -8.10 0.32
CL 7LV B . 3.02 -9.16 -0.64
C21 7LV B . 0.60 -8.40 0.45
C25 7LV B . 0.23 -6.43 1.83
C20 7LV B . -0.23 -7.58 1.20
C17 7LV B . -1.66 -7.95 1.29
C16 7LV B . -2.41 -7.53 2.38
C15 7LV B . -3.75 -7.87 2.47
N4 7LV B . -2.20 -8.70 0.30
C18 7LV B . -3.50 -9.07 0.31
C14 7LV B . -4.33 -8.63 1.46
N3 7LV B . -5.63 -8.96 1.56
C13 7LV B . -6.25 -9.68 0.63
C19 7LV B . -4.17 -9.89 -0.76
C12 7LV B . -5.62 -10.17 -0.50
C11 7LV B . -6.44 -10.94 -1.41
C10 7LV B . -6.48 -12.22 -3.57
C9 7LV B . -4.37 -11.16 -2.83
O 7LV B . -3.89 -11.65 -3.89
N 7LV B . 2.11 -9.99 -5.49
C 7LV B . 3.57 -9.82 -5.62
#